data_3ITF
#
_entry.id   3ITF
#
_cell.length_a   61.463
_cell.length_b   61.463
_cell.length_c   130.082
_cell.angle_alpha   90.00
_cell.angle_beta   90.00
_cell.angle_gamma   120.00
#
_symmetry.space_group_name_H-M   'P 65'
#
loop_
_entity.id
_entity.type
_entity.pdbx_description
1 polymer 'Periplasmic adaptor protein cpxP'
2 water water
#
_entity_poly.entity_id   1
_entity_poly.type   'polypeptide(L)'
_entity_poly.pdbx_seq_one_letter_code
;HHHHHHSSGLVPRGSAAEVGSGDNWHPGEELTQRSTQSH(MSE)FDGISLTEHQRQQ(MSE)RDL(MSE)QQARHEQPPV
NVSELET(MSE)HRLVTAENFDENAVRAQAEK(MSE)ANEQIARQVE(MSE)AKVRNQ(MSE)YRLLTPEQQAVLNEKHQ
QR(MSE)EQLRDVTQWQ
;
_entity_poly.pdbx_strand_id   A,B
#
# COMPACT_ATOMS: atom_id res chain seq x y z
N SER A 35 -4.55 4.42 -4.58
CA SER A 35 -3.51 4.70 -5.62
C SER A 35 -3.95 4.20 -6.97
N THR A 36 -3.25 4.66 -8.00
CA THR A 36 -3.63 4.23 -9.35
C THR A 36 -2.46 3.76 -10.20
N GLN A 37 -1.22 3.98 -9.72
CA GLN A 37 0.01 3.67 -10.48
C GLN A 37 0.21 2.13 -10.55
N SER A 38 0.55 1.64 -11.74
CA SER A 38 0.79 0.20 -11.91
C SER A 38 1.89 -0.02 -12.90
N HIS A 39 2.60 -1.15 -12.75
CA HIS A 39 3.56 -1.57 -13.77
C HIS A 39 2.94 -2.37 -14.89
N PHE A 41 1.30 -2.17 -17.63
CA PHE A 41 1.43 -1.87 -19.07
C PHE A 41 2.80 -1.34 -19.43
N ASP A 42 3.75 -1.54 -18.53
CA ASP A 42 5.13 -1.09 -18.80
C ASP A 42 5.65 -1.69 -20.10
N GLY A 43 6.19 -0.84 -20.97
CA GLY A 43 6.93 -1.32 -22.13
C GLY A 43 6.11 -1.90 -23.26
N ILE A 44 4.79 -1.73 -23.22
CA ILE A 44 3.95 -2.19 -24.31
C ILE A 44 3.84 -1.07 -25.35
N SER A 45 4.10 -1.42 -26.61
CA SER A 45 3.99 -0.46 -27.72
C SER A 45 2.54 -0.33 -28.20
N LEU A 46 1.98 0.87 -28.06
CA LEU A 46 0.56 1.09 -28.34
C LEU A 46 0.34 1.87 -29.63
N THR A 47 -0.80 1.63 -30.31
CA THR A 47 -1.21 2.55 -31.37
C THR A 47 -1.67 3.85 -30.73
N GLU A 48 -1.73 4.93 -31.52
CA GLU A 48 -2.20 6.19 -30.96
C GLU A 48 -3.61 6.06 -30.41
N HIS A 49 -4.44 5.33 -31.12
CA HIS A 49 -5.82 5.14 -30.68
C HIS A 49 -5.91 4.36 -29.37
N GLN A 50 -5.10 3.31 -29.26
CA GLN A 50 -5.02 2.61 -27.97
C GLN A 50 -4.54 3.54 -26.86
N ARG A 51 -3.48 4.31 -27.11
CA ARG A 51 -2.96 5.18 -26.08
C ARG A 51 -3.98 6.24 -25.60
N GLN A 52 -4.73 6.81 -26.54
CA GLN A 52 -5.74 7.80 -26.18
C GLN A 52 -6.85 7.19 -25.32
N GLN A 53 -7.32 6.02 -25.73
CA GLN A 53 -8.39 5.34 -25.00
C GLN A 53 -7.91 5.01 -23.59
N ARG A 55 -5.53 6.58 -21.88
CA ARG A 55 -5.48 7.85 -21.18
C ARG A 55 -6.87 8.22 -20.63
N ASP A 56 -7.88 8.09 -21.47
CA ASP A 56 -9.25 8.44 -21.09
C ASP A 56 -9.73 7.53 -19.95
N LEU A 57 -9.45 6.23 -20.08
CA LEU A 57 -9.90 5.27 -19.04
C LEU A 57 -9.26 5.61 -17.69
N GLN A 59 -7.97 8.56 -16.80
CA GLN A 59 -8.46 9.88 -16.36
C GLN A 59 -9.77 9.75 -15.58
N GLN A 60 -10.68 8.92 -16.09
CA GLN A 60 -11.94 8.73 -15.38
C GLN A 60 -11.77 7.88 -14.13
N ALA A 61 -10.89 6.87 -14.19
CA ALA A 61 -10.65 6.08 -12.97
C ALA A 61 -10.12 6.93 -11.82
N ARG A 62 -9.20 7.80 -12.17
CA ARG A 62 -8.68 8.77 -11.20
C ARG A 62 -9.80 9.68 -10.71
N HIS A 63 -10.58 10.26 -11.63
CA HIS A 63 -11.67 11.14 -11.20
C HIS A 63 -12.51 10.44 -10.13
N GLU A 64 -12.80 9.16 -10.34
CA GLU A 64 -13.67 8.46 -9.42
C GLU A 64 -13.03 7.98 -8.12
N GLN A 65 -11.71 7.93 -8.06
CA GLN A 65 -11.06 7.40 -6.85
C GLN A 65 -10.90 8.57 -5.86
N PRO A 66 -11.52 8.48 -4.67
CA PRO A 66 -11.36 9.62 -3.72
C PRO A 66 -9.91 9.82 -3.28
N PRO A 67 -9.55 11.04 -2.84
CA PRO A 67 -8.21 11.26 -2.27
C PRO A 67 -8.03 10.46 -0.96
N VAL A 68 -6.79 10.44 -0.52
CA VAL A 68 -6.42 9.83 0.74
C VAL A 68 -7.32 10.25 1.91
N ASN A 69 -7.78 9.26 2.66
CA ASN A 69 -8.67 9.54 3.79
C ASN A 69 -7.79 9.98 4.96
N VAL A 70 -7.54 11.28 5.01
CA VAL A 70 -6.66 11.86 5.99
C VAL A 70 -7.20 11.65 7.41
N SER A 71 -8.54 11.69 7.56
CA SER A 71 -9.09 11.53 8.90
CA SER A 71 -9.13 11.50 8.87
C SER A 71 -8.76 10.13 9.44
N GLU A 72 -8.78 9.09 8.59
CA GLU A 72 -8.41 7.76 9.06
CA GLU A 72 -8.43 7.76 9.08
C GLU A 72 -6.93 7.66 9.42
N LEU A 73 -6.08 8.38 8.69
CA LEU A 73 -4.67 8.42 9.09
C LEU A 73 -4.51 9.07 10.44
N GLU A 74 -5.26 10.14 10.71
CA GLU A 74 -5.17 10.82 11.98
C GLU A 74 -5.66 9.94 13.13
N THR A 75 -6.74 9.22 12.87
CA THR A 75 -7.28 8.33 13.91
C THR A 75 -6.24 7.25 14.22
N HIS A 77 -2.96 7.42 13.80
CA HIS A 77 -1.85 8.06 14.48
C HIS A 77 -2.16 8.24 15.97
N ARG A 78 -3.37 8.68 16.29
CA ARG A 78 -3.73 8.88 17.68
C ARG A 78 -3.80 7.56 18.44
N LEU A 79 -4.12 6.46 17.77
CA LEU A 79 -4.03 5.15 18.43
C LEU A 79 -2.58 4.77 18.72
N VAL A 80 -1.72 4.96 17.74
CA VAL A 80 -0.31 4.55 17.84
C VAL A 80 0.45 5.39 18.89
N THR A 81 -0.03 6.60 19.18
CA THR A 81 0.57 7.47 20.16
C THR A 81 -0.22 7.55 21.47
N ALA A 82 -1.19 6.66 21.67
CA ALA A 82 -2.08 6.73 22.84
C ALA A 82 -1.32 6.41 24.12
N GLU A 83 -1.76 7.01 25.22
CA GLU A 83 -1.19 6.67 26.52
C GLU A 83 -1.27 5.20 26.82
N ASN A 84 -2.41 4.60 26.52
CA ASN A 84 -2.58 3.17 26.70
CA ASN A 84 -2.58 3.17 26.68
C ASN A 84 -2.82 2.50 25.35
N PHE A 85 -1.78 1.89 24.81
CA PHE A 85 -1.87 1.34 23.48
C PHE A 85 -2.94 0.26 23.43
N ASP A 86 -3.87 0.35 22.50
CA ASP A 86 -5.04 -0.51 22.48
C ASP A 86 -5.02 -1.30 21.18
N GLU A 87 -4.48 -2.52 21.20
CA GLU A 87 -4.30 -3.29 19.96
C GLU A 87 -5.65 -3.68 19.33
N ASN A 88 -6.66 -3.89 20.18
CA ASN A 88 -8.00 -4.11 19.64
C ASN A 88 -8.50 -2.94 18.82
N ALA A 89 -8.28 -1.74 19.32
CA ALA A 89 -8.71 -0.54 18.60
C ALA A 89 -7.89 -0.37 17.32
N VAL A 90 -6.60 -0.64 17.42
CA VAL A 90 -5.75 -0.62 16.24
C VAL A 90 -6.21 -1.60 15.16
N ARG A 91 -6.52 -2.85 15.57
CA ARG A 91 -7.02 -3.83 14.59
CA ARG A 91 -7.04 -3.85 14.60
C ARG A 91 -8.34 -3.36 13.95
N ALA A 92 -9.26 -2.83 14.75
CA ALA A 92 -10.53 -2.37 14.21
C ALA A 92 -10.31 -1.26 13.19
N GLN A 93 -9.38 -0.36 13.51
CA GLN A 93 -9.09 0.75 12.61
C GLN A 93 -8.43 0.26 11.32
N ALA A 94 -7.53 -0.70 11.42
CA ALA A 94 -6.92 -1.30 10.22
C ALA A 94 -7.99 -1.99 9.38
N GLU A 95 -8.94 -2.67 10.02
CA GLU A 95 -10.01 -3.34 9.28
C GLU A 95 -10.84 -2.34 8.51
N LYS A 96 -11.14 -1.21 9.13
CA LYS A 96 -11.93 -0.16 8.52
C LYS A 96 -11.20 0.42 7.31
N ALA A 98 -8.87 -1.09 5.54
CA ALA A 98 -8.73 -2.10 4.48
C ALA A 98 -9.98 -2.17 3.62
N ASN A 99 -11.15 -1.84 4.15
CA ASN A 99 -12.34 -1.92 3.30
C ASN A 99 -12.33 -0.87 2.17
N GLU A 100 -11.71 0.26 2.45
CA GLU A 100 -11.49 1.26 1.41
C GLU A 100 -10.44 0.81 0.40
N GLN A 101 -9.40 0.19 0.89
CA GLN A 101 -8.39 -0.36 0.02
C GLN A 101 -8.97 -1.43 -0.92
N ILE A 102 -9.82 -2.30 -0.39
CA ILE A 102 -10.46 -3.33 -1.22
C ILE A 102 -11.28 -2.65 -2.33
N ALA A 103 -12.08 -1.65 -1.98
CA ALA A 103 -12.88 -1.00 -2.98
C ALA A 103 -11.98 -0.42 -4.09
N ARG A 104 -10.86 0.20 -3.70
CA ARG A 104 -9.95 0.75 -4.73
C ARG A 104 -9.37 -0.36 -5.59
N GLN A 105 -8.86 -1.43 -4.98
CA GLN A 105 -8.28 -2.52 -5.73
C GLN A 105 -9.26 -3.18 -6.70
N VAL A 106 -10.53 -3.35 -6.29
CA VAL A 106 -11.51 -3.93 -7.18
C VAL A 106 -11.78 -3.01 -8.36
N GLU A 107 -11.97 -1.73 -8.08
CA GLU A 107 -12.29 -0.82 -9.16
C GLU A 107 -11.10 -0.71 -10.11
N ALA A 109 -8.84 -3.03 -10.73
CA ALA A 109 -8.78 -4.30 -11.46
C ALA A 109 -9.73 -4.21 -12.65
N LYS A 110 -10.92 -3.64 -12.43
CA LYS A 110 -11.87 -3.51 -13.52
C LYS A 110 -11.33 -2.63 -14.63
N VAL A 111 -10.77 -1.48 -14.27
CA VAL A 111 -10.25 -0.57 -15.30
CA VAL A 111 -10.20 -0.54 -15.25
C VAL A 111 -9.04 -1.20 -16.01
N ARG A 112 -8.20 -1.91 -15.27
CA ARG A 112 -7.06 -2.49 -15.91
C ARG A 112 -7.46 -3.63 -16.83
N ASN A 113 -8.47 -4.42 -16.43
CA ASN A 113 -9.01 -5.43 -17.33
C ASN A 113 -9.54 -4.82 -18.64
N GLN A 114 -10.20 -3.68 -18.48
CA GLN A 114 -10.75 -2.97 -19.65
C GLN A 114 -9.62 -2.49 -20.57
N TYR A 116 -6.59 -3.83 -20.76
CA TYR A 116 -6.07 -5.07 -21.32
C TYR A 116 -6.86 -5.55 -22.53
N ARG A 117 -8.18 -5.39 -22.46
CA ARG A 117 -9.05 -5.86 -23.56
C ARG A 117 -8.94 -5.00 -24.83
N LEU A 118 -8.30 -3.82 -24.74
CA LEU A 118 -8.00 -3.02 -25.94
C LEU A 118 -6.77 -3.50 -26.70
N LEU A 119 -6.00 -4.41 -26.08
CA LEU A 119 -4.77 -4.87 -26.71
C LEU A 119 -5.06 -6.03 -27.64
N THR A 120 -4.19 -6.18 -28.64
CA THR A 120 -4.22 -7.34 -29.52
C THR A 120 -3.69 -8.57 -28.80
N PRO A 121 -4.01 -9.75 -29.32
CA PRO A 121 -3.46 -10.97 -28.72
C PRO A 121 -1.93 -10.91 -28.61
N GLU A 122 -1.25 -10.35 -29.60
CA GLU A 122 0.21 -10.26 -29.56
C GLU A 122 0.68 -9.33 -28.42
N GLN A 123 0.01 -8.18 -28.26
CA GLN A 123 0.40 -7.28 -27.18
C GLN A 123 0.08 -7.90 -25.82
N GLN A 124 -1.04 -8.61 -25.76
CA GLN A 124 -1.39 -9.31 -24.50
C GLN A 124 -0.30 -10.30 -24.14
N ALA A 125 0.19 -11.02 -25.13
CA ALA A 125 1.22 -12.02 -24.85
C ALA A 125 2.54 -11.38 -24.35
N VAL A 126 2.92 -10.24 -24.90
CA VAL A 126 4.08 -9.47 -24.45
C VAL A 126 3.85 -9.03 -22.99
N LEU A 127 2.65 -8.51 -22.71
CA LEU A 127 2.34 -8.03 -21.40
C LEU A 127 2.43 -9.16 -20.38
N ASN A 128 1.92 -10.33 -20.73
CA ASN A 128 1.95 -11.45 -19.81
C ASN A 128 3.36 -11.97 -19.58
N GLU A 129 4.18 -11.91 -20.63
CA GLU A 129 5.56 -12.32 -20.48
C GLU A 129 6.31 -11.36 -19.57
N LYS A 130 6.11 -10.06 -19.77
CA LYS A 130 6.73 -9.09 -18.89
C LYS A 130 6.28 -9.28 -17.43
N HIS A 131 5.00 -9.58 -17.22
CA HIS A 131 4.52 -9.82 -15.85
C HIS A 131 5.23 -11.05 -15.23
N GLN A 132 5.32 -12.14 -16.02
CA GLN A 132 6.04 -13.34 -15.57
C GLN A 132 7.49 -12.98 -15.18
N GLN A 133 8.19 -12.22 -16.02
CA GLN A 133 9.58 -11.89 -15.71
CA GLN A 133 9.56 -11.84 -15.72
C GLN A 133 9.66 -11.01 -14.45
N ARG A 134 8.69 -10.10 -14.29
CA ARG A 134 8.64 -9.27 -13.10
C ARG A 134 8.47 -10.14 -11.83
N GLU A 136 9.22 -13.28 -11.46
CA GLU A 136 10.45 -14.05 -11.25
C GLU A 136 11.50 -13.32 -10.45
N GLN A 137 11.48 -11.97 -10.49
CA GLN A 137 12.38 -11.24 -9.65
C GLN A 137 12.15 -11.50 -8.15
N LEU A 138 10.88 -11.70 -7.79
CA LEU A 138 10.51 -11.95 -6.41
C LEU A 138 10.83 -13.38 -5.99
N ARG A 139 11.26 -14.22 -6.94
CA ARG A 139 11.68 -15.62 -6.64
C ARG A 139 13.16 -15.90 -6.96
N ASP A 140 13.93 -14.86 -7.26
CA ASP A 140 15.31 -15.06 -7.69
C ASP A 140 16.28 -14.37 -6.76
N VAL A 141 16.82 -15.14 -5.82
CA VAL A 141 17.65 -14.59 -4.76
C VAL A 141 18.87 -13.89 -5.30
N THR A 142 19.38 -14.37 -6.44
CA THR A 142 20.62 -13.81 -6.94
C THR A 142 20.43 -12.37 -7.41
N GLN A 143 19.20 -11.91 -7.67
CA GLN A 143 18.95 -10.53 -8.06
C GLN A 143 19.00 -9.54 -6.89
N TRP A 144 19.12 -10.07 -5.68
CA TRP A 144 19.07 -9.25 -4.46
C TRP A 144 20.34 -9.34 -3.63
N GLN A 145 21.27 -10.14 -4.12
CA GLN A 145 22.55 -10.36 -3.47
C GLN A 145 23.58 -9.35 -3.92
N SER B 35 4.84 -3.71 3.92
CA SER B 35 5.86 -2.63 3.84
C SER B 35 6.20 -2.23 5.28
N THR B 36 7.30 -1.50 5.43
CA THR B 36 7.72 -1.02 6.75
C THR B 36 8.10 0.45 6.78
N GLN B 37 8.20 1.08 5.63
CA GLN B 37 8.68 2.48 5.61
C GLN B 37 7.59 3.41 6.13
N SER B 38 7.98 4.44 6.88
CA SER B 38 7.02 5.39 7.41
C SER B 38 7.67 6.75 7.58
N HIS B 39 6.87 7.81 7.49
CA HIS B 39 7.33 9.15 7.80
C HIS B 39 7.26 9.51 9.27
N PHE B 41 8.78 9.14 12.06
CA PHE B 41 9.90 9.61 12.85
C PHE B 41 10.80 10.57 12.09
N ASP B 42 10.33 11.02 10.93
CA ASP B 42 11.13 12.02 10.17
C ASP B 42 11.52 13.23 11.01
N GLY B 43 12.78 13.60 10.89
CA GLY B 43 13.30 14.86 11.47
C GLY B 43 13.40 14.96 12.97
N ILE B 44 13.29 13.83 13.66
CA ILE B 44 13.40 13.79 15.11
C ILE B 44 14.88 13.56 15.45
N SER B 45 15.47 14.44 16.27
CA SER B 45 16.86 14.19 16.67
C SER B 45 16.91 13.23 17.85
N LEU B 46 17.64 12.14 17.65
CA LEU B 46 17.67 11.07 18.65
C LEU B 46 19.04 10.97 19.29
N THR B 47 19.06 10.47 20.51
CA THR B 47 20.34 10.12 21.12
C THR B 47 20.85 8.87 20.44
N GLU B 48 22.14 8.57 20.64
CA GLU B 48 22.69 7.36 20.04
C GLU B 48 21.98 6.10 20.55
N HIS B 49 21.67 6.06 21.84
CA HIS B 49 21.01 4.93 22.43
C HIS B 49 19.59 4.78 21.88
N GLN B 50 18.90 5.89 21.66
CA GLN B 50 17.59 5.82 21.02
C GLN B 50 17.68 5.30 19.59
N ARG B 51 18.61 5.84 18.79
CA ARG B 51 18.74 5.41 17.40
C ARG B 51 19.07 3.91 17.33
N GLN B 52 19.96 3.46 18.23
CA GLN B 52 20.34 2.06 18.23
C GLN B 52 19.12 1.16 18.54
N GLN B 53 18.35 1.54 19.54
CA GLN B 53 17.21 0.71 19.93
C GLN B 53 16.20 0.69 18.81
N ARG B 55 16.72 1.12 15.61
CA ARG B 55 17.27 0.27 14.55
C ARG B 55 17.00 -1.21 14.87
N ASP B 56 17.24 -1.59 16.13
CA ASP B 56 17.06 -2.98 16.54
C ASP B 56 15.56 -3.35 16.41
N LEU B 57 14.71 -2.45 16.89
CA LEU B 57 13.25 -2.72 16.83
C LEU B 57 12.79 -2.90 15.37
N GLN B 59 14.72 -3.71 12.71
CA GLN B 59 15.31 -4.89 12.07
CA GLN B 59 15.41 -4.90 12.18
C GLN B 59 14.56 -6.14 12.48
N GLN B 60 14.09 -6.23 13.73
CA GLN B 60 13.29 -7.37 14.14
C GLN B 60 11.90 -7.33 13.49
N ALA B 61 11.31 -6.13 13.40
CA ALA B 61 10.00 -6.02 12.75
C ALA B 61 10.11 -6.48 11.32
N ARG B 62 11.19 -6.07 10.67
CA ARG B 62 11.44 -6.52 9.30
C ARG B 62 11.60 -8.05 9.25
N HIS B 63 12.46 -8.59 10.10
CA HIS B 63 12.66 -10.04 10.14
C HIS B 63 11.32 -10.75 10.17
N GLU B 64 10.38 -10.25 10.99
CA GLU B 64 9.12 -10.96 11.17
C GLU B 64 8.12 -10.70 10.07
N GLN B 65 8.35 -9.68 9.24
CA GLN B 65 7.35 -9.40 8.23
C GLN B 65 7.69 -10.21 6.96
N PRO B 66 6.79 -11.12 6.52
CA PRO B 66 7.14 -11.94 5.34
C PRO B 66 7.29 -11.08 4.10
N PRO B 67 8.06 -11.54 3.12
CA PRO B 67 8.15 -10.85 1.85
C PRO B 67 6.82 -10.86 1.07
N VAL B 68 6.75 -10.03 0.05
CA VAL B 68 5.59 -9.89 -0.80
C VAL B 68 5.09 -11.27 -1.23
N ASN B 69 3.80 -11.44 -1.14
CA ASN B 69 3.16 -12.70 -1.46
C ASN B 69 2.98 -12.75 -2.97
N VAL B 70 4.00 -13.27 -3.64
CA VAL B 70 4.03 -13.22 -5.08
C VAL B 70 2.91 -14.07 -5.67
N SER B 71 2.58 -15.18 -5.04
CA SER B 71 1.52 -16.04 -5.57
CA SER B 71 1.51 -16.05 -5.55
C SER B 71 0.18 -15.30 -5.60
N GLU B 72 -0.11 -14.46 -4.59
CA GLU B 72 -1.36 -13.70 -4.62
CA GLU B 72 -1.32 -13.64 -4.60
C GLU B 72 -1.35 -12.62 -5.73
N LEU B 73 -0.18 -12.00 -6.00
CA LEU B 73 -0.09 -11.08 -7.14
CA LEU B 73 -0.08 -11.08 -7.15
C LEU B 73 -0.40 -11.80 -8.44
N GLU B 74 0.14 -13.01 -8.57
CA GLU B 74 -0.11 -13.82 -9.74
C GLU B 74 -1.57 -14.18 -9.90
N THR B 75 -2.21 -14.60 -8.80
CA THR B 75 -3.64 -14.91 -8.84
C THR B 75 -4.44 -13.69 -9.30
N HIS B 77 -3.37 -11.13 -11.06
CA HIS B 77 -3.07 -10.83 -12.46
C HIS B 77 -3.86 -11.77 -13.36
N ARG B 78 -3.94 -13.05 -13.01
CA ARG B 78 -4.73 -13.96 -13.85
C ARG B 78 -6.20 -13.58 -13.86
N LEU B 79 -6.72 -13.06 -12.74
CA LEU B 79 -8.12 -12.62 -12.73
C LEU B 79 -8.33 -11.43 -13.66
N VAL B 80 -7.39 -10.50 -13.63
CA VAL B 80 -7.51 -9.26 -14.38
C VAL B 80 -7.34 -9.52 -15.87
N THR B 81 -6.69 -10.62 -16.23
CA THR B 81 -6.46 -10.94 -17.62
C THR B 81 -7.29 -12.14 -18.09
N ALA B 82 -8.27 -12.54 -17.29
CA ALA B 82 -9.12 -13.71 -17.62
C ALA B 82 -9.98 -13.45 -18.84
N GLU B 83 -10.32 -14.52 -19.55
CA GLU B 83 -11.21 -14.38 -20.71
C GLU B 83 -12.56 -13.85 -20.30
N ASN B 84 -13.06 -14.29 -19.16
CA ASN B 84 -14.31 -13.76 -18.65
C ASN B 84 -14.04 -13.16 -17.30
N PHE B 85 -13.91 -11.83 -17.29
CA PHE B 85 -13.59 -11.07 -16.07
C PHE B 85 -14.69 -11.29 -15.05
N ASP B 86 -14.27 -11.67 -13.84
CA ASP B 86 -15.18 -12.08 -12.76
C ASP B 86 -15.00 -11.16 -11.55
N GLU B 87 -15.84 -10.14 -11.42
CA GLU B 87 -15.70 -9.17 -10.36
C GLU B 87 -15.83 -9.79 -8.97
N ASN B 88 -16.68 -10.82 -8.83
CA ASN B 88 -16.82 -11.47 -7.54
C ASN B 88 -15.52 -12.14 -7.12
N ALA B 89 -14.86 -12.79 -8.07
CA ALA B 89 -13.57 -13.43 -7.79
C ALA B 89 -12.50 -12.39 -7.48
N VAL B 90 -12.52 -11.28 -8.20
CA VAL B 90 -11.59 -10.20 -7.91
C VAL B 90 -11.81 -9.63 -6.53
N ARG B 91 -13.06 -9.42 -6.15
CA ARG B 91 -13.34 -8.93 -4.81
C ARG B 91 -12.89 -9.92 -3.72
N ALA B 92 -13.16 -11.21 -3.93
CA ALA B 92 -12.73 -12.21 -2.95
C ALA B 92 -11.21 -12.17 -2.84
N GLN B 93 -10.52 -12.00 -3.96
CA GLN B 93 -9.06 -11.97 -3.90
C GLN B 93 -8.55 -10.68 -3.23
N ALA B 94 -9.18 -9.57 -3.49
CA ALA B 94 -8.81 -8.35 -2.81
C ALA B 94 -9.06 -8.48 -1.32
N GLU B 95 -10.15 -9.15 -0.92
CA GLU B 95 -10.40 -9.34 0.50
C GLU B 95 -9.30 -10.14 1.15
N LYS B 96 -8.91 -11.23 0.51
CA LYS B 96 -7.84 -12.10 1.01
C LYS B 96 -6.55 -11.31 1.18
N ALA B 98 -6.24 -8.10 1.47
CA ALA B 98 -6.45 -7.06 2.49
C ALA B 98 -6.22 -7.63 3.89
N ASN B 99 -6.55 -8.89 4.11
CA ASN B 99 -6.39 -9.46 5.46
C ASN B 99 -4.91 -9.59 5.82
N GLU B 100 -4.08 -9.85 4.84
CA GLU B 100 -2.65 -9.81 5.05
C GLU B 100 -2.10 -8.43 5.32
N GLN B 101 -2.62 -7.45 4.66
CA GLN B 101 -2.26 -6.07 4.90
CA GLN B 101 -2.27 -6.07 4.90
C GLN B 101 -2.64 -5.65 6.31
N ILE B 102 -3.83 -6.05 6.76
CA ILE B 102 -4.26 -5.71 8.12
C ILE B 102 -3.26 -6.27 9.12
N ALA B 103 -2.86 -7.53 8.96
CA ALA B 103 -1.93 -8.12 9.88
C ALA B 103 -0.62 -7.33 9.90
N ARG B 104 -0.11 -6.90 8.74
CA ARG B 104 1.09 -6.08 8.73
C ARG B 104 0.87 -4.75 9.44
N GLN B 105 -0.24 -4.09 9.16
CA GLN B 105 -0.42 -2.78 9.72
CA GLN B 105 -0.59 -2.77 9.72
C GLN B 105 -0.55 -2.84 11.24
N VAL B 106 -1.17 -3.89 11.79
CA VAL B 106 -1.34 -3.99 13.23
C VAL B 106 0.03 -4.23 13.88
N GLU B 107 0.83 -5.08 13.27
CA GLU B 107 2.13 -5.37 13.83
C GLU B 107 3.00 -4.14 13.73
N ALA B 109 1.99 -1.04 13.69
CA ALA B 109 1.50 -0.05 14.69
C ALA B 109 2.09 -0.36 16.05
N LYS B 110 2.15 -1.63 16.42
CA LYS B 110 2.74 -2.03 17.71
C LYS B 110 4.20 -1.61 17.80
N VAL B 111 4.98 -1.89 16.74
CA VAL B 111 6.39 -1.54 16.75
CA VAL B 111 6.39 -1.55 16.77
C VAL B 111 6.58 -0.03 16.81
N ARG B 112 5.75 0.69 16.05
CA ARG B 112 5.90 2.13 16.05
C ARG B 112 5.50 2.75 17.39
N ASN B 113 4.48 2.18 18.03
CA ASN B 113 4.14 2.62 19.38
C ASN B 113 5.29 2.35 20.35
N GLN B 114 5.94 1.19 20.21
CA GLN B 114 7.10 0.90 21.08
C GLN B 114 8.23 1.92 20.86
N TYR B 116 7.85 5.02 19.70
CA TYR B 116 7.36 6.27 20.22
C TYR B 116 7.58 6.39 21.73
N ARG B 117 7.43 5.25 22.40
CA ARG B 117 7.56 5.18 23.86
C ARG B 117 9.01 5.35 24.36
N LEU B 118 9.98 5.24 23.44
CA LEU B 118 11.41 5.55 23.75
C LEU B 118 11.73 7.03 23.70
N LEU B 119 10.82 7.83 23.15
CA LEU B 119 11.04 9.27 23.03
C LEU B 119 10.69 10.01 24.30
N THR B 120 11.34 11.15 24.52
CA THR B 120 10.97 12.05 25.61
C THR B 120 9.68 12.80 25.29
N PRO B 121 9.01 13.38 26.29
CA PRO B 121 7.80 14.19 26.00
C PRO B 121 8.11 15.28 24.98
N GLU B 122 9.29 15.88 25.07
CA GLU B 122 9.70 16.94 24.13
C GLU B 122 9.78 16.42 22.71
N GLN B 123 10.41 15.25 22.51
CA GLN B 123 10.52 14.66 21.18
C GLN B 123 9.16 14.23 20.66
N GLN B 124 8.32 13.74 21.59
CA GLN B 124 6.97 13.33 21.17
C GLN B 124 6.18 14.51 20.67
N ALA B 125 6.38 15.68 21.29
CA ALA B 125 5.63 16.87 20.92
C ALA B 125 6.08 17.33 19.55
N VAL B 126 7.37 17.22 19.27
CA VAL B 126 7.88 17.56 17.93
C VAL B 126 7.29 16.61 16.87
N LEU B 127 7.31 15.32 17.20
CA LEU B 127 6.79 14.28 16.30
C LEU B 127 5.31 14.54 15.98
N ASN B 128 4.53 14.87 17.01
CA ASN B 128 3.10 15.10 16.82
C ASN B 128 2.83 16.40 16.01
N GLU B 129 3.65 17.42 16.22
CA GLU B 129 3.50 18.66 15.48
C GLU B 129 3.85 18.41 14.01
N LYS B 130 4.92 17.63 13.78
CA LYS B 130 5.27 17.28 12.39
C LYS B 130 4.15 16.47 11.69
N HIS B 131 3.54 15.55 12.44
CA HIS B 131 2.45 14.78 11.87
C HIS B 131 1.30 15.70 11.51
N GLN B 132 0.98 16.63 12.40
CA GLN B 132 -0.11 17.55 12.15
C GLN B 132 0.17 18.36 10.88
N GLN B 133 1.39 18.89 10.75
CA GLN B 133 1.73 19.66 9.57
C GLN B 133 1.68 18.80 8.29
N ARG B 134 2.05 17.53 8.39
CA ARG B 134 2.02 16.67 7.25
C ARG B 134 0.57 16.43 6.82
N GLU B 136 -1.93 18.44 7.31
CA GLU B 136 -2.46 19.67 6.76
C GLU B 136 -2.16 19.80 5.28
N GLN B 137 -1.10 19.17 4.80
CA GLN B 137 -0.81 19.20 3.37
C GLN B 137 -1.97 18.55 2.59
N LEU B 138 -2.59 17.51 3.18
CA LEU B 138 -3.73 16.84 2.54
C LEU B 138 -5.03 17.63 2.63
N ARG B 139 -5.01 18.76 3.35
CA ARG B 139 -6.21 19.64 3.45
C ARG B 139 -5.97 21.06 2.95
N ASP B 140 -4.87 21.27 2.23
CA ASP B 140 -4.51 22.64 1.84
C ASP B 140 -4.34 22.70 0.33
N VAL B 141 -5.38 23.13 -0.35
CA VAL B 141 -5.42 23.09 -1.79
C VAL B 141 -4.28 23.90 -2.41
N THR B 142 -3.84 24.92 -1.69
CA THR B 142 -2.88 25.83 -2.29
C THR B 142 -1.52 25.17 -2.43
N GLN B 143 -1.26 24.10 -1.68
CA GLN B 143 0.00 23.39 -1.81
C GLN B 143 0.05 22.50 -3.07
N TRP B 144 -1.07 22.38 -3.77
CA TRP B 144 -1.17 21.47 -4.92
C TRP B 144 -1.51 22.21 -6.20
N GLN B 145 -1.58 23.53 -6.10
CA GLN B 145 -1.89 24.39 -7.23
C GLN B 145 -0.62 24.88 -7.92
#